data_4L81
#
_entry.id   4L81
#
_cell.length_a   120.930
_cell.length_b   120.930
_cell.length_c   186.560
_cell.angle_alpha   90.00
_cell.angle_beta   90.00
_cell.angle_gamma   120.00
#
_symmetry.space_group_name_H-M   'P 64 2 2'
#
loop_
_entity.id
_entity.type
_entity.pdbx_description
1 polymer 'SAM-I/IV variant riboswitch aptamer domain'
2 non-polymer S-ADENOSYLMETHIONINE
3 non-polymer 'COBALT HEXAMMINE(III)'
4 non-polymer 'MAGNESIUM ION'
#
_entity_poly.entity_id   1
_entity_poly.type   'polyribonucleotide'
_entity_poly.pdbx_seq_one_letter_code
;GGAUCACGAGGGGGAGACCCCGGCAACCUGGGACGGACACCCAAGGUGCUCACACCGGAGACGGUGGAUCCGGCCCGAGA
GGGCAACGAAGUCCGU
;
_entity_poly.pdbx_strand_id   A
#